data_3OJM
#
_entry.id   3OJM
#
_cell.length_a   66.740
_cell.length_b   72.349
_cell.length_c   91.912
_cell.angle_alpha   90.00
_cell.angle_beta   90.00
_cell.angle_gamma   90.00
#
_symmetry.space_group_name_H-M   'P 21 21 21'
#
loop_
_entity.id
_entity.type
_entity.pdbx_description
1 polymer 'Heparin-binding growth factor 1'
2 polymer 'Fibroblast growth factor receptor 2'
3 non-polymer 'SULFATE ION'
4 water water
#
loop_
_entity_poly.entity_id
_entity_poly.type
_entity_poly.pdbx_seq_one_letter_code
_entity_poly.pdbx_strand_id
1 'polypeptide(L)'
;MAEGEITTFTALTEKFNLPPGNYKKPKLLYCSNGGHFLRILPDGTVDGTRDRSDQHIQLQLSAESVGEVYIKSTETGQYL
AMDTDGLLYGSQTPNEECLFLERLEENHYNTYISKKHAEKNWFVGLKKNGSCKRGPRTHYGQKAILFLPLPVSSD
;
A
2 'polypeptide(L)'
;MAEDFVSENSNNKRAPYWTNTEKMEKRLHAVPAANTVKFRCPAGGNPMPTMRWLKNGKEFKQEHRIGGYKVRNQHWSLIM
ESVVPSDKGNYTCVVENEYGSINHTYHLDVVERSRHRPILQAGLPANASTVVGGDVEFVCKVYSDAQPHIQWIKHVEKNG
SKYGPDGLPYLKVLKHSGINSSNAEVLALFNVTEADAGEYICKVSNYIGQANQSAWLTVLPKQQAPGREKE
;
B
#
loop_
_chem_comp.id
_chem_comp.type
_chem_comp.name
_chem_comp.formula
SO4 non-polymer 'SULFATE ION' 'O4 S -2'
#
# COMPACT_ATOMS: atom_id res chain seq x y z
N THR A 10 -1.05 11.14 -22.11
CA THR A 10 0.39 11.33 -21.77
C THR A 10 0.58 11.28 -20.25
N ALA A 11 1.82 11.38 -19.80
CA ALA A 11 2.10 11.35 -18.37
C ALA A 11 1.33 12.49 -17.70
N LEU A 12 1.11 13.57 -18.45
CA LEU A 12 0.37 14.72 -17.93
C LEU A 12 -1.13 14.46 -17.88
N THR A 13 -1.62 13.59 -18.76
CA THR A 13 -3.05 13.27 -18.83
C THR A 13 -3.44 12.16 -17.85
N GLU A 14 -2.51 11.24 -17.59
CA GLU A 14 -2.76 10.13 -16.67
C GLU A 14 -3.26 10.60 -15.30
N LYS A 15 -4.40 10.08 -14.88
CA LYS A 15 -4.98 10.44 -13.60
C LYS A 15 -5.00 9.23 -12.67
N PHE A 16 -4.82 9.46 -11.37
CA PHE A 16 -4.84 8.38 -10.40
C PHE A 16 -4.80 8.89 -8.96
N ASN A 17 -6.00 9.07 -8.41
CA ASN A 17 -6.27 9.55 -7.05
C ASN A 17 -5.07 9.95 -6.17
N LEU A 18 -4.88 9.21 -5.08
CA LEU A 18 -3.80 9.44 -4.12
C LEU A 18 -3.84 10.80 -3.42
N PRO A 19 -4.92 11.07 -2.68
CA PRO A 19 -5.09 12.33 -1.94
C PRO A 19 -4.25 12.31 -0.66
N PRO A 20 -4.17 13.46 0.04
CA PRO A 20 -3.38 13.47 1.28
C PRO A 20 -4.11 12.51 2.20
N GLY A 21 -3.39 11.82 3.08
CA GLY A 21 -4.03 10.90 4.00
C GLY A 21 -4.44 9.56 3.39
N ASN A 22 -4.09 9.31 2.14
CA ASN A 22 -4.44 8.05 1.49
C ASN A 22 -3.93 6.84 2.27
N TYR A 23 -2.78 7.01 2.92
CA TYR A 23 -2.15 5.95 3.71
C TYR A 23 -3.01 5.42 4.85
N LYS A 24 -4.00 6.19 5.31
CA LYS A 24 -4.83 5.71 6.40
C LYS A 24 -6.14 5.06 5.99
N LYS A 25 -6.45 5.10 4.70
CA LYS A 25 -7.67 4.46 4.22
C LYS A 25 -7.43 2.95 4.24
N PRO A 26 -8.50 2.16 4.36
CA PRO A 26 -8.37 0.70 4.38
C PRO A 26 -7.73 0.24 3.07
N LYS A 27 -6.96 -0.83 3.12
CA LYS A 27 -6.29 -1.35 1.94
C LYS A 27 -6.49 -2.86 1.86
N LEU A 28 -6.15 -3.43 0.72
CA LEU A 28 -6.20 -4.87 0.54
C LEU A 28 -4.74 -5.18 0.29
N LEU A 29 -4.23 -6.26 0.88
CA LEU A 29 -2.83 -6.61 0.64
C LEU A 29 -2.86 -7.73 -0.40
N TYR A 30 -2.69 -7.33 -1.65
CA TYR A 30 -2.71 -8.21 -2.80
C TYR A 30 -1.35 -8.86 -2.99
N CYS A 31 -1.32 -10.18 -3.07
CA CYS A 31 -0.08 -10.92 -3.28
C CYS A 31 0.00 -11.30 -4.75
N SER A 32 1.04 -10.86 -5.43
CA SER A 32 1.18 -11.16 -6.84
C SER A 32 1.43 -12.62 -7.13
N ASN A 33 1.87 -13.38 -6.13
CA ASN A 33 2.17 -14.79 -6.31
C ASN A 33 1.03 -15.52 -7.00
N GLY A 34 -0.12 -15.56 -6.34
CA GLY A 34 -1.28 -16.22 -6.93
C GLY A 34 -2.40 -15.23 -7.17
N GLY A 35 -2.17 -13.98 -6.81
CA GLY A 35 -3.18 -12.96 -6.98
C GLY A 35 -4.23 -12.98 -5.88
N HIS A 36 -3.83 -13.38 -4.68
CA HIS A 36 -4.74 -13.44 -3.54
C HIS A 36 -4.67 -12.21 -2.64
N PHE A 37 -5.77 -11.92 -1.96
CA PHE A 37 -5.83 -10.80 -1.01
C PHE A 37 -5.64 -11.43 0.36
N LEU A 38 -4.74 -10.86 1.16
CA LEU A 38 -4.49 -11.39 2.50
C LEU A 38 -5.79 -11.34 3.29
N ARG A 39 -6.12 -12.46 3.95
CA ARG A 39 -7.36 -12.54 4.71
C ARG A 39 -7.17 -13.02 6.16
N ILE A 40 -7.85 -12.35 7.07
CA ILE A 40 -7.78 -12.71 8.48
C ILE A 40 -9.17 -13.15 8.87
N LEU A 41 -9.35 -14.45 9.04
CA LEU A 41 -10.66 -14.97 9.38
C LEU A 41 -11.00 -14.76 10.85
N PRO A 42 -12.31 -14.71 11.17
CA PRO A 42 -12.77 -14.51 12.56
C PRO A 42 -12.19 -15.50 13.57
N ASP A 43 -12.07 -16.77 13.17
CA ASP A 43 -11.53 -17.78 14.07
C ASP A 43 -10.04 -17.61 14.32
N GLY A 44 -9.44 -16.59 13.71
CA GLY A 44 -8.02 -16.36 13.94
C GLY A 44 -7.04 -16.94 12.93
N THR A 45 -7.54 -17.66 11.94
CA THR A 45 -6.67 -18.23 10.92
C THR A 45 -6.39 -17.17 9.85
N VAL A 46 -5.29 -17.34 9.12
CA VAL A 46 -4.93 -16.40 8.08
C VAL A 46 -4.61 -17.15 6.80
N ASP A 47 -5.14 -16.66 5.68
CA ASP A 47 -4.92 -17.27 4.38
C ASP A 47 -5.14 -16.19 3.32
N GLY A 48 -5.34 -16.63 2.07
CA GLY A 48 -5.59 -15.68 1.00
C GLY A 48 -6.84 -16.05 0.25
N THR A 49 -7.38 -15.11 -0.52
CA THR A 49 -8.59 -15.35 -1.30
C THR A 49 -8.61 -14.44 -2.52
N ARG A 50 -9.29 -14.87 -3.58
CA ARG A 50 -9.38 -14.06 -4.79
C ARG A 50 -10.71 -13.31 -4.83
N ASP A 51 -11.52 -13.51 -3.80
CA ASP A 51 -12.82 -12.86 -3.71
C ASP A 51 -12.65 -11.44 -3.18
N ARG A 52 -12.61 -10.46 -4.07
CA ARG A 52 -12.46 -9.07 -3.65
C ARG A 52 -13.65 -8.57 -2.83
N SER A 53 -14.76 -9.30 -2.84
CA SER A 53 -15.92 -8.87 -2.07
C SER A 53 -15.88 -9.47 -0.66
N ASP A 54 -14.86 -10.27 -0.37
CA ASP A 54 -14.74 -10.89 0.95
C ASP A 54 -14.61 -9.79 2.02
N GLN A 55 -15.37 -9.92 3.10
CA GLN A 55 -15.36 -8.90 4.15
C GLN A 55 -14.20 -8.98 5.14
N HIS A 56 -13.31 -9.95 4.99
CA HIS A 56 -12.20 -10.06 5.91
C HIS A 56 -10.83 -9.74 5.30
N ILE A 57 -10.84 -9.04 4.17
CA ILE A 57 -9.60 -8.67 3.51
C ILE A 57 -9.31 -7.17 3.61
N GLN A 58 -10.24 -6.40 4.18
CA GLN A 58 -10.02 -4.97 4.32
C GLN A 58 -9.16 -4.74 5.54
N LEU A 59 -7.94 -4.24 5.30
CA LEU A 59 -7.00 -4.03 6.37
C LEU A 59 -6.62 -2.57 6.58
N GLN A 60 -6.38 -2.22 7.83
CA GLN A 60 -5.98 -0.86 8.20
C GLN A 60 -4.51 -0.94 8.63
N LEU A 61 -3.63 -0.29 7.87
CA LEU A 61 -2.22 -0.29 8.19
C LEU A 61 -1.90 0.98 8.98
N SER A 62 -0.92 0.90 9.88
CA SER A 62 -0.51 2.06 10.68
C SER A 62 0.90 1.88 11.22
N ALA A 63 1.66 2.97 11.20
CA ALA A 63 3.03 2.95 11.69
C ALA A 63 3.08 3.26 13.19
N GLU A 64 3.28 2.22 14.00
CA GLU A 64 3.35 2.39 15.45
C GLU A 64 4.68 3.06 15.81
N SER A 65 5.72 2.74 15.04
CA SER A 65 7.04 3.33 15.19
C SER A 65 7.47 3.59 13.75
N VAL A 66 8.45 4.46 13.55
CA VAL A 66 8.88 4.74 12.19
C VAL A 66 9.21 3.42 11.48
N GLY A 67 8.56 3.20 10.34
CA GLY A 67 8.81 1.99 9.57
C GLY A 67 8.31 0.69 10.17
N GLU A 68 7.58 0.77 11.28
CA GLU A 68 7.03 -0.42 11.94
C GLU A 68 5.52 -0.32 11.92
N VAL A 69 4.85 -1.29 11.31
CA VAL A 69 3.41 -1.23 11.18
C VAL A 69 2.57 -2.33 11.79
N TYR A 70 1.31 -2.00 12.05
CA TYR A 70 0.31 -2.95 12.53
C TYR A 70 -0.55 -3.14 11.28
N ILE A 71 -1.12 -4.32 11.13
CA ILE A 71 -2.00 -4.62 10.00
C ILE A 71 -3.24 -5.17 10.68
N LYS A 72 -4.30 -4.37 10.68
CA LYS A 72 -5.52 -4.74 11.36
C LYS A 72 -6.75 -4.95 10.48
N SER A 73 -7.53 -5.97 10.82
CA SER A 73 -8.75 -6.26 10.07
C SER A 73 -9.82 -5.28 10.51
N THR A 74 -10.32 -4.48 9.57
CA THR A 74 -11.34 -3.51 9.89
C THR A 74 -12.64 -4.20 10.31
N GLU A 75 -12.86 -5.41 9.80
CA GLU A 75 -14.07 -6.16 10.10
C GLU A 75 -14.15 -6.76 11.51
N THR A 76 -13.07 -7.38 11.96
CA THR A 76 -13.06 -8.01 13.28
C THR A 76 -12.18 -7.33 14.32
N GLY A 77 -11.34 -6.40 13.89
CA GLY A 77 -10.46 -5.71 14.82
C GLY A 77 -9.26 -6.54 15.21
N GLN A 78 -9.08 -7.68 14.56
CA GLN A 78 -7.93 -8.55 14.86
C GLN A 78 -6.67 -8.00 14.20
N TYR A 79 -5.53 -8.18 14.84
CA TYR A 79 -4.25 -7.75 14.29
C TYR A 79 -3.53 -8.94 13.66
N LEU A 80 -2.88 -8.72 12.52
CA LEU A 80 -2.13 -9.78 11.88
C LEU A 80 -0.92 -10.01 12.78
N ALA A 81 -0.47 -11.25 12.88
CA ALA A 81 0.68 -11.55 13.73
C ALA A 81 1.34 -12.84 13.32
N MET A 82 2.59 -13.02 13.73
CA MET A 82 3.35 -14.23 13.41
C MET A 82 3.93 -14.79 14.71
N ASP A 83 3.65 -16.05 15.02
CA ASP A 83 4.14 -16.68 16.24
C ASP A 83 5.59 -17.13 16.16
N THR A 84 6.11 -17.65 17.27
CA THR A 84 7.51 -18.11 17.33
C THR A 84 7.82 -19.21 16.33
N ASP A 85 6.78 -19.80 15.75
CA ASP A 85 6.96 -20.86 14.77
C ASP A 85 6.94 -20.29 13.34
N GLY A 86 6.67 -18.99 13.23
CA GLY A 86 6.64 -18.36 11.92
C GLY A 86 5.30 -18.49 11.24
N LEU A 87 4.27 -18.82 12.02
CA LEU A 87 2.93 -19.00 11.47
C LEU A 87 2.11 -17.72 11.64
N LEU A 88 1.35 -17.36 10.61
CA LEU A 88 0.51 -16.18 10.67
C LEU A 88 -0.79 -16.53 11.38
N TYR A 89 -1.30 -15.60 12.17
CA TYR A 89 -2.55 -15.83 12.88
C TYR A 89 -3.17 -14.48 13.21
N GLY A 90 -4.46 -14.48 13.53
CA GLY A 90 -5.14 -13.24 13.86
C GLY A 90 -5.15 -13.06 15.38
N SER A 91 -4.64 -11.92 15.85
CA SER A 91 -4.61 -11.65 17.27
C SER A 91 -5.66 -10.61 17.65
N GLN A 92 -6.48 -10.93 18.65
CA GLN A 92 -7.52 -10.02 19.08
C GLN A 92 -6.96 -8.75 19.70
N THR A 93 -5.82 -8.86 20.37
CA THR A 93 -5.18 -7.72 21.01
C THR A 93 -3.82 -7.48 20.35
N PRO A 94 -3.35 -6.23 20.32
CA PRO A 94 -2.05 -5.93 19.71
C PRO A 94 -0.89 -6.32 20.62
N ASN A 95 0.12 -6.96 20.07
CA ASN A 95 1.30 -7.35 20.84
C ASN A 95 2.55 -7.33 19.96
N GLU A 96 3.70 -7.60 20.57
CA GLU A 96 4.97 -7.56 19.84
C GLU A 96 5.06 -8.47 18.61
N GLU A 97 4.19 -9.48 18.51
CA GLU A 97 4.21 -10.37 17.36
C GLU A 97 3.38 -9.83 16.21
N CYS A 98 2.74 -8.67 16.42
CA CYS A 98 1.90 -8.04 15.40
C CYS A 98 2.62 -6.96 14.60
N LEU A 99 3.82 -6.61 15.02
CA LEU A 99 4.60 -5.58 14.34
C LEU A 99 5.42 -6.11 13.18
N PHE A 100 5.30 -5.45 12.03
CA PHE A 100 6.02 -5.83 10.83
C PHE A 100 6.78 -4.64 10.25
N LEU A 101 7.94 -4.91 9.64
CA LEU A 101 8.73 -3.85 9.04
C LEU A 101 8.30 -3.74 7.57
N GLU A 102 7.57 -2.68 7.23
CA GLU A 102 7.09 -2.48 5.88
C GLU A 102 8.15 -1.81 5.03
N ARG A 103 8.53 -2.44 3.93
CA ARG A 103 9.54 -1.92 3.04
C ARG A 103 9.14 -2.12 1.58
N LEU A 104 9.59 -1.19 0.73
CA LEU A 104 9.31 -1.25 -0.70
C LEU A 104 10.54 -1.87 -1.38
N GLU A 105 10.35 -2.96 -2.12
CA GLU A 105 11.49 -3.60 -2.79
C GLU A 105 11.82 -2.96 -4.14
N GLU A 106 12.82 -3.51 -4.83
CA GLU A 106 13.26 -2.96 -6.10
C GLU A 106 12.18 -2.85 -7.17
N ASN A 107 11.35 -3.87 -7.29
CA ASN A 107 10.29 -3.85 -8.29
C ASN A 107 9.02 -3.16 -7.82
N HIS A 108 9.16 -2.38 -6.76
CA HIS A 108 8.06 -1.60 -6.20
C HIS A 108 6.88 -2.35 -5.60
N TYR A 109 7.16 -3.53 -5.06
CA TYR A 109 6.15 -4.32 -4.36
C TYR A 109 6.58 -4.14 -2.89
N ASN A 110 5.68 -4.35 -1.96
CA ASN A 110 6.03 -4.25 -0.55
C ASN A 110 6.33 -5.63 0.01
N THR A 111 7.18 -5.70 1.03
CA THR A 111 7.46 -6.95 1.72
C THR A 111 7.21 -6.58 3.18
N TYR A 112 6.78 -7.54 3.97
CA TYR A 112 6.49 -7.30 5.37
C TYR A 112 7.21 -8.35 6.20
N ILE A 113 8.24 -7.93 6.92
CA ILE A 113 9.01 -8.85 7.74
C ILE A 113 8.69 -8.73 9.22
N SER A 114 8.55 -9.88 9.87
CA SER A 114 8.27 -9.92 11.29
C SER A 114 9.34 -9.09 12.01
N LYS A 115 8.92 -8.13 12.83
CA LYS A 115 9.90 -7.34 13.57
C LYS A 115 10.54 -8.25 14.62
N LYS A 116 9.68 -9.03 15.29
CA LYS A 116 10.11 -9.96 16.32
C LYS A 116 11.21 -10.91 15.81
N HIS A 117 11.06 -11.39 14.59
CA HIS A 117 12.02 -12.31 14.00
C HIS A 117 12.77 -11.73 12.80
N ALA A 118 12.93 -10.41 12.80
CA ALA A 118 13.61 -9.74 11.69
C ALA A 118 14.96 -10.37 11.34
N GLU A 119 15.74 -10.71 12.36
CA GLU A 119 17.05 -11.32 12.15
C GLU A 119 17.02 -12.57 11.28
N LYS A 120 15.90 -13.29 11.32
CA LYS A 120 15.76 -14.51 10.54
C LYS A 120 15.11 -14.24 9.18
N ASN A 121 14.68 -13.00 8.97
CA ASN A 121 14.03 -12.63 7.72
C ASN A 121 12.76 -13.43 7.43
N TRP A 122 11.85 -13.47 8.40
CA TRP A 122 10.59 -14.17 8.22
C TRP A 122 9.57 -13.19 7.65
N PHE A 123 9.13 -13.44 6.43
CA PHE A 123 8.16 -12.56 5.78
C PHE A 123 6.73 -13.06 5.86
N VAL A 124 5.81 -12.15 5.56
CA VAL A 124 4.40 -12.48 5.47
C VAL A 124 4.38 -12.99 4.02
N GLY A 125 3.72 -14.11 3.77
CA GLY A 125 3.69 -14.62 2.40
C GLY A 125 2.48 -15.49 2.10
N LEU A 126 2.12 -15.56 0.82
CA LEU A 126 0.98 -16.36 0.38
C LEU A 126 1.37 -17.23 -0.79
N LYS A 127 1.17 -18.54 -0.64
CA LYS A 127 1.47 -19.51 -1.68
C LYS A 127 0.43 -19.41 -2.78
N LYS A 128 0.73 -20.00 -3.94
CA LYS A 128 -0.20 -19.96 -5.06
C LYS A 128 -1.52 -20.64 -4.75
N ASN A 129 -1.51 -21.64 -3.86
CA ASN A 129 -2.75 -22.32 -3.53
C ASN A 129 -3.60 -21.51 -2.56
N GLY A 130 -3.14 -20.30 -2.25
CA GLY A 130 -3.89 -19.43 -1.37
C GLY A 130 -3.67 -19.62 0.12
N SER A 131 -2.78 -20.53 0.50
CA SER A 131 -2.52 -20.76 1.92
C SER A 131 -1.31 -19.94 2.37
N CYS A 132 -1.34 -19.55 3.63
CA CYS A 132 -0.26 -18.76 4.21
C CYS A 132 1.07 -19.51 4.18
N LYS A 133 2.14 -18.78 3.93
CA LYS A 133 3.47 -19.38 3.89
C LYS A 133 4.00 -19.30 5.33
N ARG A 134 4.94 -20.17 5.67
CA ARG A 134 5.52 -20.16 7.02
C ARG A 134 6.81 -19.35 7.01
N GLY A 135 6.98 -18.49 8.01
CA GLY A 135 8.17 -17.65 8.11
C GLY A 135 9.47 -18.31 7.67
N PRO A 136 9.83 -19.47 8.27
CA PRO A 136 11.07 -20.17 7.93
C PRO A 136 11.18 -20.54 6.44
N ARG A 137 10.05 -20.65 5.77
CA ARG A 137 10.02 -21.01 4.36
C ARG A 137 10.06 -19.85 3.37
N THR A 138 10.22 -18.63 3.88
CA THR A 138 10.28 -17.45 3.02
C THR A 138 11.71 -16.95 2.88
N HIS A 139 11.95 -16.13 1.86
CA HIS A 139 13.27 -15.55 1.62
C HIS A 139 13.27 -14.53 0.47
N TYR A 140 14.10 -13.50 0.60
CA TYR A 140 14.22 -12.42 -0.40
C TYR A 140 14.39 -12.88 -1.85
N GLY A 141 13.31 -13.29 -2.48
CA GLY A 141 13.39 -13.72 -3.87
C GLY A 141 12.13 -14.43 -4.33
N GLN A 142 11.33 -14.88 -3.38
CA GLN A 142 10.09 -15.57 -3.69
C GLN A 142 9.06 -14.55 -4.15
N LYS A 143 8.09 -15.02 -4.90
CA LYS A 143 7.03 -14.15 -5.38
C LYS A 143 6.00 -14.11 -4.26
N ALA A 144 6.04 -15.13 -3.40
CA ALA A 144 5.12 -15.26 -2.29
C ALA A 144 5.15 -14.09 -1.28
N ILE A 145 6.27 -13.39 -1.19
CA ILE A 145 6.37 -12.28 -0.24
C ILE A 145 6.09 -10.88 -0.81
N LEU A 146 5.77 -10.79 -2.10
CA LEU A 146 5.52 -9.49 -2.72
C LEU A 146 4.06 -9.06 -2.62
N PHE A 147 3.85 -7.89 -2.03
CA PHE A 147 2.51 -7.38 -1.84
C PHE A 147 2.29 -5.98 -2.41
N LEU A 148 1.05 -5.70 -2.79
CA LEU A 148 0.66 -4.42 -3.32
C LEU A 148 -0.58 -3.95 -2.57
N PRO A 149 -0.45 -2.85 -1.81
CA PRO A 149 -1.63 -2.36 -1.08
C PRO A 149 -2.57 -1.73 -2.10
N LEU A 150 -3.79 -2.25 -2.17
CA LEU A 150 -4.76 -1.75 -3.13
C LEU A 150 -5.97 -1.11 -2.48
N PRO A 151 -6.64 -0.21 -3.21
CA PRO A 151 -7.83 0.46 -2.68
C PRO A 151 -8.83 -0.69 -2.52
N VAL A 152 -9.80 -0.55 -1.64
CA VAL A 152 -10.76 -1.63 -1.47
C VAL A 152 -11.49 -1.91 -2.80
N SER A 153 -11.78 -0.86 -3.56
CA SER A 153 -12.44 -1.01 -4.86
C SER A 153 -11.56 -0.44 -5.97
N SER A 154 -11.55 -1.09 -7.12
CA SER A 154 -10.74 -0.64 -8.26
C SER A 154 -10.94 0.85 -8.51
N LYS B 13 -6.75 -33.36 -36.42
CA LYS B 13 -7.60 -32.14 -36.64
C LYS B 13 -8.52 -31.93 -35.45
N ARG B 14 -8.45 -30.73 -34.86
CA ARG B 14 -9.27 -30.43 -33.70
C ARG B 14 -9.42 -28.93 -33.44
N ALA B 15 -10.47 -28.57 -32.71
CA ALA B 15 -10.73 -27.19 -32.37
C ALA B 15 -9.73 -26.80 -31.27
N PRO B 16 -9.60 -25.49 -31.00
CA PRO B 16 -8.65 -25.07 -29.96
C PRO B 16 -8.95 -25.56 -28.55
N TYR B 17 -7.89 -25.69 -27.76
CA TYR B 17 -8.00 -26.10 -26.38
C TYR B 17 -6.84 -25.45 -25.59
N TRP B 18 -6.97 -25.42 -24.27
CA TRP B 18 -5.94 -24.84 -23.43
C TRP B 18 -4.93 -25.93 -23.06
N THR B 19 -3.66 -25.56 -23.02
CA THR B 19 -2.60 -26.50 -22.70
C THR B 19 -2.15 -26.36 -21.25
N ASN B 20 -2.33 -25.17 -20.68
CA ASN B 20 -1.92 -24.92 -19.30
C ASN B 20 -2.81 -23.88 -18.62
N THR B 21 -3.92 -24.32 -18.05
CA THR B 21 -4.84 -23.41 -17.37
C THR B 21 -4.31 -22.94 -16.02
N GLU B 22 -3.38 -23.68 -15.44
CA GLU B 22 -2.80 -23.30 -14.14
C GLU B 22 -2.33 -21.85 -14.21
N LYS B 23 -1.65 -21.51 -15.30
CA LYS B 23 -1.15 -20.15 -15.47
C LYS B 23 -2.24 -19.18 -15.87
N MET B 24 -3.49 -19.54 -15.60
CA MET B 24 -4.63 -18.69 -15.96
C MET B 24 -5.65 -18.58 -14.82
N GLU B 25 -5.27 -19.05 -13.63
CA GLU B 25 -6.19 -19.01 -12.49
C GLU B 25 -6.19 -17.69 -11.73
N LYS B 26 -5.33 -16.77 -12.16
CA LYS B 26 -5.21 -15.47 -11.53
C LYS B 26 -6.30 -14.56 -12.09
N ARG B 27 -7.29 -14.23 -11.26
CA ARG B 27 -8.41 -13.39 -11.71
C ARG B 27 -8.13 -11.89 -11.71
N LEU B 28 -7.07 -11.48 -11.02
CA LEU B 28 -6.71 -10.08 -10.99
C LEU B 28 -5.21 -9.92 -11.04
N HIS B 29 -4.75 -9.09 -11.97
CA HIS B 29 -3.34 -8.79 -12.12
C HIS B 29 -3.19 -7.34 -11.68
N ALA B 30 -2.60 -7.12 -10.51
CA ALA B 30 -2.38 -5.76 -10.01
C ALA B 30 -0.88 -5.54 -10.10
N VAL B 31 -0.48 -4.48 -10.78
CA VAL B 31 0.94 -4.22 -10.98
C VAL B 31 1.36 -2.78 -10.74
N PRO B 32 2.62 -2.56 -10.32
CA PRO B 32 3.08 -1.19 -10.08
C PRO B 32 3.23 -0.49 -11.44
N ALA B 33 2.79 0.75 -11.53
CA ALA B 33 2.95 1.50 -12.77
C ALA B 33 4.45 1.53 -13.08
N ALA B 34 4.79 1.49 -14.37
CA ALA B 34 6.17 1.52 -14.87
C ALA B 34 6.78 0.12 -14.95
N ASN B 35 6.09 -0.86 -14.40
CA ASN B 35 6.58 -2.23 -14.47
C ASN B 35 6.06 -2.84 -15.75
N THR B 36 6.50 -4.07 -16.04
CA THR B 36 6.07 -4.76 -17.25
C THR B 36 5.04 -5.82 -16.90
N VAL B 37 3.97 -5.91 -17.69
CA VAL B 37 2.93 -6.91 -17.48
C VAL B 37 2.95 -7.92 -18.63
N LYS B 38 2.78 -9.19 -18.28
CA LYS B 38 2.80 -10.26 -19.25
C LYS B 38 1.57 -11.16 -19.06
N PHE B 39 0.83 -11.38 -20.14
CA PHE B 39 -0.35 -12.23 -20.12
C PHE B 39 -0.09 -13.40 -21.07
N ARG B 40 -0.55 -14.59 -20.70
CA ARG B 40 -0.35 -15.77 -21.53
C ARG B 40 -1.57 -16.70 -21.57
N CYS B 41 -1.74 -17.39 -22.69
CA CYS B 41 -2.86 -18.31 -22.88
C CYS B 41 -2.40 -19.52 -23.69
N PRO B 42 -1.55 -20.37 -23.11
CA PRO B 42 -1.03 -21.56 -23.80
C PRO B 42 -2.15 -22.33 -24.48
N ALA B 43 -2.08 -22.44 -25.81
CA ALA B 43 -3.12 -23.11 -26.56
C ALA B 43 -2.65 -24.23 -27.47
N GLY B 44 -3.62 -25.03 -27.91
CA GLY B 44 -3.35 -26.14 -28.79
C GLY B 44 -4.47 -26.19 -29.83
N GLY B 45 -4.29 -27.02 -30.85
CA GLY B 45 -5.27 -27.15 -31.89
C GLY B 45 -4.63 -27.61 -33.19
N ASN B 46 -5.44 -28.09 -34.13
CA ASN B 46 -4.94 -28.56 -35.41
C ASN B 46 -5.98 -28.31 -36.51
N PRO B 47 -5.68 -27.42 -37.46
CA PRO B 47 -4.44 -26.64 -37.58
C PRO B 47 -4.10 -25.78 -36.36
N MET B 48 -2.84 -25.34 -36.29
CA MET B 48 -2.37 -24.48 -35.22
C MET B 48 -3.27 -23.25 -35.18
N PRO B 49 -3.92 -22.97 -34.04
CA PRO B 49 -4.79 -21.79 -33.98
C PRO B 49 -4.02 -20.47 -33.92
N THR B 50 -4.70 -19.38 -34.27
CA THR B 50 -4.09 -18.06 -34.23
C THR B 50 -4.57 -17.30 -33.00
N MET B 51 -3.71 -16.42 -32.49
CA MET B 51 -4.03 -15.64 -31.30
C MET B 51 -4.21 -14.16 -31.60
N ARG B 52 -5.19 -13.56 -30.92
CA ARG B 52 -5.51 -12.13 -31.06
C ARG B 52 -5.87 -11.63 -29.66
N TRP B 53 -5.56 -10.38 -29.37
CA TRP B 53 -5.88 -9.81 -28.05
C TRP B 53 -6.84 -8.63 -28.14
N LEU B 54 -7.77 -8.57 -27.20
CA LEU B 54 -8.74 -7.49 -27.15
C LEU B 54 -8.57 -6.71 -25.85
N LYS B 55 -8.88 -5.43 -25.87
CA LYS B 55 -8.82 -4.62 -24.67
C LYS B 55 -10.24 -4.11 -24.47
N ASN B 56 -10.82 -4.43 -23.32
CA ASN B 56 -12.18 -4.02 -23.02
C ASN B 56 -13.13 -4.45 -24.12
N GLY B 57 -12.98 -5.70 -24.56
CA GLY B 57 -13.85 -6.26 -25.58
C GLY B 57 -13.66 -5.80 -27.00
N LYS B 58 -12.64 -5.00 -27.27
CA LYS B 58 -12.42 -4.52 -28.63
C LYS B 58 -10.98 -4.67 -29.10
N GLU B 59 -10.80 -4.76 -30.42
CA GLU B 59 -9.47 -4.92 -30.99
C GLU B 59 -8.44 -4.03 -30.32
N PHE B 60 -7.37 -4.65 -29.85
CA PHE B 60 -6.30 -3.93 -29.17
C PHE B 60 -5.27 -3.49 -30.22
N LYS B 61 -5.29 -2.20 -30.55
CA LYS B 61 -4.37 -1.66 -31.54
C LYS B 61 -3.09 -1.12 -30.93
N GLN B 62 -1.99 -1.26 -31.66
CA GLN B 62 -0.69 -0.79 -31.21
C GLN B 62 -0.76 0.68 -30.79
N GLU B 63 -1.60 1.46 -31.47
CA GLU B 63 -1.72 2.88 -31.17
C GLU B 63 -2.58 3.18 -29.96
N HIS B 64 -3.15 2.15 -29.34
CA HIS B 64 -4.01 2.36 -28.17
C HIS B 64 -3.26 2.73 -26.91
N ARG B 65 -1.94 2.53 -26.91
CA ARG B 65 -1.10 2.90 -25.77
C ARG B 65 0.25 3.34 -26.30
N ILE B 66 0.84 4.35 -25.66
CA ILE B 66 2.16 4.81 -26.12
C ILE B 66 3.15 3.68 -25.93
N GLY B 67 3.99 3.47 -26.93
CA GLY B 67 4.95 2.39 -26.84
C GLY B 67 4.35 1.08 -27.31
N GLY B 68 3.06 1.12 -27.66
CA GLY B 68 2.37 -0.07 -28.13
C GLY B 68 2.57 -1.28 -27.24
N TYR B 69 2.54 -2.47 -27.84
CA TYR B 69 2.72 -3.71 -27.10
C TYR B 69 3.34 -4.78 -27.99
N LYS B 70 3.80 -5.85 -27.37
CA LYS B 70 4.41 -6.96 -28.10
C LYS B 70 3.75 -8.29 -27.79
N VAL B 71 3.71 -9.16 -28.79
CA VAL B 71 3.13 -10.48 -28.64
C VAL B 71 4.19 -11.51 -29.01
N ARG B 72 4.09 -12.70 -28.44
CA ARG B 72 5.05 -13.77 -28.73
C ARG B 72 4.28 -15.06 -28.98
N ASN B 73 4.07 -15.37 -30.25
CA ASN B 73 3.33 -16.58 -30.63
C ASN B 73 3.95 -17.82 -30.00
N GLN B 74 5.27 -17.84 -29.94
CA GLN B 74 5.98 -18.97 -29.34
C GLN B 74 5.51 -19.22 -27.91
N HIS B 75 5.01 -18.18 -27.26
CA HIS B 75 4.56 -18.31 -25.88
C HIS B 75 3.10 -17.92 -25.67
N TRP B 76 2.39 -17.63 -26.76
CA TRP B 76 0.98 -17.25 -26.65
C TRP B 76 0.84 -16.13 -25.63
N SER B 77 1.70 -15.13 -25.70
CA SER B 77 1.65 -14.05 -24.72
C SER B 77 1.57 -12.63 -25.28
N LEU B 78 1.11 -11.73 -24.40
CA LEU B 78 0.99 -10.31 -24.69
C LEU B 78 1.85 -9.63 -23.63
N ILE B 79 2.69 -8.70 -24.06
CA ILE B 79 3.56 -7.98 -23.14
C ILE B 79 3.44 -6.48 -23.30
N MET B 80 3.26 -5.79 -22.17
CA MET B 80 3.16 -4.34 -22.16
C MET B 80 4.20 -3.83 -21.16
N GLU B 81 5.17 -3.06 -21.63
CA GLU B 81 6.21 -2.53 -20.76
C GLU B 81 5.84 -1.14 -20.28
N SER B 82 6.40 -0.76 -19.13
CA SER B 82 6.14 0.56 -18.54
C SER B 82 4.65 0.85 -18.47
N VAL B 83 3.89 0.01 -17.79
CA VAL B 83 2.47 0.24 -17.71
C VAL B 83 2.14 1.55 -17.00
N VAL B 84 1.06 2.17 -17.44
CA VAL B 84 0.59 3.42 -16.87
C VAL B 84 -0.85 3.20 -16.42
N PRO B 85 -1.38 4.08 -15.56
CA PRO B 85 -2.75 3.94 -15.07
C PRO B 85 -3.80 3.61 -16.14
N SER B 86 -3.70 4.28 -17.27
CA SER B 86 -4.65 4.06 -18.36
C SER B 86 -4.58 2.67 -18.97
N ASP B 87 -3.59 1.86 -18.58
CA ASP B 87 -3.50 0.50 -19.13
C ASP B 87 -4.48 -0.43 -18.44
N LYS B 88 -5.07 0.03 -17.34
CA LYS B 88 -6.03 -0.79 -16.60
C LYS B 88 -7.16 -1.22 -17.55
N GLY B 89 -7.73 -2.38 -17.27
CA GLY B 89 -8.80 -2.86 -18.11
C GLY B 89 -8.78 -4.36 -18.29
N ASN B 90 -9.67 -4.84 -19.15
CA ASN B 90 -9.78 -6.26 -19.44
C ASN B 90 -9.03 -6.62 -20.71
N TYR B 91 -8.20 -7.65 -20.61
CA TYR B 91 -7.40 -8.11 -21.75
C TYR B 91 -7.83 -9.53 -22.09
N THR B 92 -8.44 -9.67 -23.25
CA THR B 92 -8.94 -10.95 -23.73
C THR B 92 -8.07 -11.57 -24.81
N CYS B 93 -7.69 -12.82 -24.61
CA CYS B 93 -6.92 -13.51 -25.63
C CYS B 93 -7.94 -14.36 -26.38
N VAL B 94 -7.93 -14.29 -27.70
CA VAL B 94 -8.86 -15.06 -28.52
C VAL B 94 -8.03 -16.00 -29.39
N VAL B 95 -8.21 -17.31 -29.18
CA VAL B 95 -7.48 -18.32 -29.93
C VAL B 95 -8.45 -19.07 -30.83
N GLU B 96 -8.10 -19.21 -32.11
CA GLU B 96 -9.00 -19.89 -33.02
C GLU B 96 -8.37 -20.46 -34.29
N ASN B 97 -9.07 -21.43 -34.86
CA ASN B 97 -8.70 -22.06 -36.11
C ASN B 97 -10.04 -22.29 -36.79
N GLU B 98 -10.03 -22.94 -37.95
CA GLU B 98 -11.26 -23.18 -38.70
C GLU B 98 -12.34 -23.97 -37.96
N TYR B 99 -11.96 -24.77 -36.98
CA TYR B 99 -12.93 -25.57 -36.26
C TYR B 99 -13.55 -24.91 -35.03
N GLY B 100 -13.04 -23.75 -34.63
CA GLY B 100 -13.61 -23.08 -33.47
C GLY B 100 -12.76 -21.98 -32.86
N SER B 101 -13.29 -21.36 -31.82
CA SER B 101 -12.60 -20.26 -31.15
C SER B 101 -12.88 -20.26 -29.65
N ILE B 102 -11.84 -20.01 -28.87
CA ILE B 102 -11.98 -19.94 -27.42
C ILE B 102 -11.28 -18.68 -26.92
N ASN B 103 -11.59 -18.27 -25.69
CA ASN B 103 -10.99 -17.07 -25.13
C ASN B 103 -10.89 -17.06 -23.62
N HIS B 104 -10.09 -16.13 -23.12
CA HIS B 104 -9.93 -15.95 -21.69
C HIS B 104 -9.65 -14.46 -21.44
N THR B 105 -10.27 -13.93 -20.40
CA THR B 105 -10.09 -12.53 -20.09
C THR B 105 -9.42 -12.31 -18.75
N TYR B 106 -8.39 -11.48 -18.74
CA TYR B 106 -7.68 -11.16 -17.52
C TYR B 106 -8.03 -9.71 -17.20
N HIS B 107 -7.99 -9.33 -15.92
CA HIS B 107 -8.25 -7.94 -15.58
C HIS B 107 -6.95 -7.36 -15.03
N LEU B 108 -6.64 -6.15 -15.46
CA LEU B 108 -5.42 -5.49 -15.01
C LEU B 108 -5.71 -4.23 -14.22
N ASP B 109 -5.06 -4.13 -13.08
CA ASP B 109 -5.17 -2.96 -12.19
C ASP B 109 -3.76 -2.40 -12.14
N VAL B 110 -3.62 -1.08 -12.19
CA VAL B 110 -2.30 -0.46 -12.12
C VAL B 110 -2.26 0.51 -10.93
N VAL B 111 -1.21 0.41 -10.12
CA VAL B 111 -1.09 1.32 -8.96
C VAL B 111 0.24 2.06 -8.97
N GLU B 112 0.18 3.35 -8.69
CA GLU B 112 1.39 4.17 -8.65
C GLU B 112 2.07 3.95 -7.30
N ARG B 113 3.34 3.56 -7.34
CA ARG B 113 4.11 3.32 -6.11
C ARG B 113 5.21 4.37 -6.06
N SER B 114 5.60 4.75 -4.86
CA SER B 114 6.63 5.76 -4.69
C SER B 114 7.51 5.52 -3.47
N ARG B 115 8.82 5.49 -3.68
CA ARG B 115 9.72 5.33 -2.55
C ARG B 115 10.28 6.73 -2.38
N HIS B 116 9.63 7.48 -1.51
CA HIS B 116 10.00 8.86 -1.27
C HIS B 116 9.65 9.21 0.17
N ARG B 117 10.33 10.21 0.72
CA ARG B 117 10.03 10.64 2.07
C ARG B 117 8.63 11.21 2.01
N PRO B 118 8.00 11.46 3.16
CA PRO B 118 6.65 12.01 3.15
C PRO B 118 6.62 13.41 2.53
N ILE B 119 5.49 13.76 1.91
CA ILE B 119 5.31 15.08 1.35
C ILE B 119 4.13 15.72 2.10
N LEU B 120 4.34 16.94 2.58
CA LEU B 120 3.29 17.65 3.31
C LEU B 120 2.61 18.64 2.40
N GLN B 121 1.31 18.84 2.62
CA GLN B 121 0.57 19.79 1.82
C GLN B 121 1.01 21.19 2.24
N ALA B 122 1.28 22.05 1.27
CA ALA B 122 1.70 23.42 1.57
C ALA B 122 0.59 24.16 2.31
N GLY B 123 0.99 25.02 3.24
CA GLY B 123 0.02 25.81 3.99
C GLY B 123 -0.50 25.18 5.27
N LEU B 124 -0.14 23.93 5.55
CA LEU B 124 -0.60 23.27 6.76
C LEU B 124 0.55 22.64 7.53
N PRO B 125 0.54 22.82 8.87
CA PRO B 125 -0.45 23.54 9.67
C PRO B 125 -0.47 25.05 9.40
N ALA B 126 -1.66 25.64 9.55
CA ALA B 126 -1.83 27.07 9.34
C ALA B 126 -1.78 27.76 10.69
N ASN B 127 -1.33 29.01 10.69
CA ASN B 127 -1.24 29.76 11.93
C ASN B 127 -2.63 29.87 12.56
N ALA B 128 -2.66 30.11 13.86
CA ALA B 128 -3.93 30.26 14.53
C ALA B 128 -3.81 31.26 15.68
N SER B 129 -4.93 31.91 15.99
CA SER B 129 -4.96 32.88 17.06
C SER B 129 -6.23 32.66 17.86
N THR B 130 -6.11 32.80 19.18
CA THR B 130 -7.26 32.63 20.07
C THR B 130 -7.01 33.46 21.33
N VAL B 131 -8.00 33.51 22.20
CA VAL B 131 -7.86 34.27 23.44
C VAL B 131 -7.57 33.28 24.55
N VAL B 132 -7.10 33.79 25.69
CA VAL B 132 -6.83 32.94 26.83
C VAL B 132 -8.16 32.23 27.11
N GLY B 133 -8.10 30.94 27.37
CA GLY B 133 -9.31 30.19 27.65
C GLY B 133 -9.90 29.53 26.41
N GLY B 134 -9.51 30.01 25.24
CA GLY B 134 -10.02 29.45 24.00
C GLY B 134 -9.42 28.12 23.58
N ASP B 135 -9.93 27.55 22.51
CA ASP B 135 -9.44 26.29 21.96
C ASP B 135 -8.97 26.53 20.55
N VAL B 136 -7.99 25.74 20.11
CA VAL B 136 -7.47 25.87 18.76
C VAL B 136 -7.06 24.48 18.25
N GLU B 137 -6.81 24.38 16.95
CA GLU B 137 -6.37 23.13 16.35
C GLU B 137 -5.36 23.42 15.24
N PHE B 138 -4.52 22.44 14.98
CA PHE B 138 -3.52 22.53 13.93
C PHE B 138 -3.69 21.27 13.10
N VAL B 139 -3.68 21.42 11.78
CA VAL B 139 -3.89 20.31 10.87
C VAL B 139 -2.69 20.02 9.99
N CYS B 140 -2.39 18.74 9.82
CA CYS B 140 -1.29 18.33 8.98
C CYS B 140 -1.80 17.32 7.94
N LYS B 141 -1.51 17.58 6.66
CA LYS B 141 -1.93 16.68 5.59
C LYS B 141 -0.73 16.09 4.87
N VAL B 142 -0.66 14.77 4.88
CA VAL B 142 0.46 14.01 4.35
C VAL B 142 0.22 13.09 3.17
N TYR B 143 1.20 13.05 2.28
CA TYR B 143 1.20 12.16 1.13
C TYR B 143 2.39 11.25 1.43
N SER B 144 2.15 9.95 1.53
CA SER B 144 3.22 9.01 1.82
C SER B 144 2.79 7.60 1.48
N ASP B 145 3.57 6.92 0.66
CA ASP B 145 3.27 5.55 0.27
C ASP B 145 3.60 4.65 1.47
N ALA B 146 4.88 4.59 1.83
CA ALA B 146 5.28 3.82 3.01
C ALA B 146 4.52 4.43 4.18
N GLN B 147 3.98 3.61 5.09
CA GLN B 147 3.23 4.15 6.22
C GLN B 147 3.98 5.22 6.99
N PRO B 148 3.40 6.43 7.11
CA PRO B 148 4.02 7.54 7.82
C PRO B 148 3.75 7.56 9.32
N HIS B 149 4.66 8.18 10.06
CA HIS B 149 4.58 8.33 11.52
C HIS B 149 4.56 9.84 11.80
N ILE B 150 3.50 10.32 12.43
CA ILE B 150 3.37 11.75 12.70
C ILE B 150 3.58 12.15 14.14
N GLN B 151 4.33 13.22 14.37
CA GLN B 151 4.50 13.71 15.73
C GLN B 151 4.37 15.23 15.72
N TRP B 152 3.76 15.75 16.77
CA TRP B 152 3.58 17.18 16.90
C TRP B 152 4.57 17.61 17.96
N ILE B 153 5.36 18.64 17.62
CA ILE B 153 6.40 19.11 18.50
C ILE B 153 6.35 20.61 18.74
N LYS B 154 6.64 21.02 19.96
CA LYS B 154 6.67 22.42 20.31
C LYS B 154 8.10 22.78 20.68
N HIS B 155 8.51 24.01 20.37
CA HIS B 155 9.84 24.51 20.66
C HIS B 155 9.69 25.08 22.06
N VAL B 156 10.29 24.41 23.05
CA VAL B 156 10.17 24.84 24.44
C VAL B 156 11.44 25.42 25.08
N GLU B 157 11.30 25.91 26.30
CA GLU B 157 12.39 26.50 27.07
C GLU B 157 12.87 25.52 28.15
N LYS B 158 14.07 25.79 28.65
CA LYS B 158 14.67 25.01 29.71
C LYS B 158 15.65 25.95 30.38
N ASN B 159 15.44 26.22 31.66
CA ASN B 159 16.31 27.13 32.40
C ASN B 159 16.24 28.51 31.75
N GLY B 160 15.10 28.82 31.14
CA GLY B 160 14.92 30.11 30.49
C GLY B 160 15.43 30.21 29.07
N SER B 161 16.20 29.21 28.63
CA SER B 161 16.76 29.21 27.29
C SER B 161 15.96 28.34 26.32
N LYS B 162 15.97 28.72 25.05
CA LYS B 162 15.26 27.97 24.01
C LYS B 162 16.23 27.08 23.23
N TYR B 163 17.52 27.25 23.49
CA TYR B 163 18.54 26.45 22.81
C TYR B 163 19.58 25.91 23.78
N GLY B 164 20.18 24.77 23.43
CA GLY B 164 21.21 24.17 24.24
C GLY B 164 22.56 24.70 23.79
N PRO B 165 23.66 24.41 24.52
CA PRO B 165 25.02 24.87 24.20
C PRO B 165 25.52 24.35 22.84
N ASP B 166 24.86 23.31 22.34
CA ASP B 166 25.21 22.69 21.06
C ASP B 166 24.40 23.29 19.93
N GLY B 167 23.65 24.35 20.23
CA GLY B 167 22.84 25.00 19.22
C GLY B 167 21.52 24.33 18.93
N LEU B 168 21.28 23.15 19.51
CA LEU B 168 20.03 22.45 19.28
C LEU B 168 18.90 23.10 20.08
N PRO B 169 17.74 23.32 19.45
CA PRO B 169 16.59 23.94 20.12
C PRO B 169 15.97 22.92 21.07
N TYR B 170 15.40 23.38 22.18
CA TYR B 170 14.75 22.43 23.08
C TYR B 170 13.40 22.08 22.47
N LEU B 171 13.13 20.78 22.35
CA LEU B 171 11.88 20.32 21.76
C LEU B 171 11.09 19.40 22.69
N LYS B 172 9.79 19.38 22.49
CA LYS B 172 8.90 18.54 23.28
C LYS B 172 7.83 17.92 22.39
N VAL B 173 7.78 16.59 22.32
CA VAL B 173 6.79 15.90 21.52
C VAL B 173 5.46 15.95 22.27
N LEU B 174 4.49 16.66 21.71
CA LEU B 174 3.18 16.78 22.34
C LEU B 174 2.37 15.52 22.11
N LYS B 175 2.58 14.88 20.96
CA LYS B 175 1.89 13.64 20.64
C LYS B 175 2.37 13.05 19.34
N HIS B 176 2.12 11.76 19.14
CA HIS B 176 2.55 11.08 17.94
C HIS B 176 1.70 9.87 17.60
N SER B 177 1.77 9.45 16.34
CA SER B 177 1.02 8.31 15.83
C SER B 177 1.14 7.07 16.71
N GLY B 178 0.07 6.29 16.75
CA GLY B 178 0.07 5.08 17.54
C GLY B 178 -1.35 4.63 17.81
N ILE B 179 -1.54 3.36 18.15
CA ILE B 179 -2.89 2.86 18.43
C ILE B 179 -3.51 3.50 19.66
N ASN B 180 -2.70 4.14 20.50
CA ASN B 180 -3.24 4.77 21.71
C ASN B 180 -3.48 6.25 21.45
N SER B 181 -3.35 6.65 20.20
CA SER B 181 -3.55 8.05 19.84
C SER B 181 -4.68 8.21 18.85
N SER B 182 -5.58 9.14 19.15
CA SER B 182 -6.68 9.36 18.24
C SER B 182 -6.33 10.53 17.33
N ASN B 183 -6.66 10.40 16.06
CA ASN B 183 -6.43 11.47 15.10
C ASN B 183 -5.02 12.07 15.17
N ALA B 184 -4.04 11.32 14.67
CA ALA B 184 -2.65 11.78 14.68
C ALA B 184 -2.40 13.02 13.83
N GLU B 185 -3.20 13.19 12.77
CA GLU B 185 -3.06 14.32 11.85
C GLU B 185 -3.53 15.67 12.41
N VAL B 186 -4.22 15.65 13.54
CA VAL B 186 -4.73 16.90 14.12
C VAL B 186 -4.34 17.12 15.58
N LEU B 187 -3.72 18.25 15.87
CA LEU B 187 -3.35 18.60 17.23
C LEU B 187 -4.39 19.61 17.72
N ALA B 188 -5.11 19.24 18.77
CA ALA B 188 -6.13 20.14 19.32
C ALA B 188 -5.68 20.62 20.69
N LEU B 189 -5.72 21.93 20.91
CA LEU B 189 -5.35 22.50 22.20
C LEU B 189 -6.58 23.12 22.85
N PHE B 190 -6.80 22.82 24.13
CA PHE B 190 -7.95 23.34 24.84
C PHE B 190 -7.62 24.25 26.01
N ASN B 191 -8.53 25.18 26.29
CA ASN B 191 -8.38 26.14 27.39
C ASN B 191 -6.95 26.67 27.43
N VAL B 192 -6.54 27.26 26.32
CA VAL B 192 -5.18 27.80 26.16
C VAL B 192 -4.81 28.96 27.08
N THR B 193 -3.50 29.07 27.31
CA THR B 193 -2.90 30.12 28.14
C THR B 193 -1.82 30.77 27.30
N GLU B 194 -1.41 31.98 27.66
CA GLU B 194 -0.37 32.68 26.90
C GLU B 194 0.90 31.83 26.84
N ALA B 195 1.03 30.89 27.76
CA ALA B 195 2.19 30.00 27.81
C ALA B 195 2.15 28.98 26.66
N ASP B 196 0.99 28.83 26.03
CA ASP B 196 0.83 27.90 24.92
C ASP B 196 1.27 28.51 23.60
N ALA B 197 1.33 29.84 23.54
CA ALA B 197 1.72 30.53 22.32
C ALA B 197 3.08 30.02 21.85
N GLY B 198 3.31 30.07 20.56
CA GLY B 198 4.58 29.60 20.03
C GLY B 198 4.48 28.75 18.77
N GLU B 199 5.60 28.16 18.39
CA GLU B 199 5.68 27.34 17.19
C GLU B 199 5.30 25.90 17.41
N TYR B 200 4.37 25.41 16.60
CA TYR B 200 3.94 24.03 16.68
C TYR B 200 4.34 23.38 15.36
N ILE B 201 5.08 22.29 15.48
CA ILE B 201 5.61 21.60 14.32
C ILE B 201 5.03 20.22 14.02
N CYS B 202 4.73 19.98 12.77
CA CYS B 202 4.27 18.65 12.39
C CYS B 202 5.45 17.99 11.69
N LYS B 203 6.02 16.96 12.30
CA LYS B 203 7.13 16.24 11.71
C LYS B 203 6.63 14.86 11.32
N VAL B 204 6.74 14.52 10.05
CA VAL B 204 6.27 13.24 9.56
C VAL B 204 7.42 12.42 8.99
N SER B 205 7.53 11.16 9.44
CA SER B 205 8.62 10.29 8.99
C SER B 205 8.18 8.89 8.56
N ASN B 206 8.83 8.38 7.51
CA ASN B 206 8.60 6.99 7.09
C ASN B 206 10.02 6.43 7.05
N TYR B 207 10.21 5.13 6.82
CA TYR B 207 11.57 4.59 6.85
C TYR B 207 12.53 5.22 5.85
N ILE B 208 11.98 5.93 4.87
CA ILE B 208 12.83 6.54 3.85
C ILE B 208 13.37 7.93 4.23
N GLY B 209 12.56 8.70 4.94
CA GLY B 209 13.00 10.03 5.34
C GLY B 209 11.91 10.78 6.07
N GLN B 210 12.10 12.08 6.25
CA GLN B 210 11.14 12.89 6.96
C GLN B 210 10.89 14.26 6.33
N ALA B 211 9.84 14.91 6.81
CA ALA B 211 9.46 16.24 6.36
C ALA B 211 8.80 16.92 7.54
N ASN B 212 8.84 18.24 7.57
CA ASN B 212 8.22 18.96 8.68
C ASN B 212 7.87 20.38 8.25
N GLN B 213 6.80 20.89 8.82
CA GLN B 213 6.31 22.22 8.56
C GLN B 213 5.72 22.67 9.88
N SER B 214 5.72 23.97 10.15
CA SER B 214 5.19 24.45 11.41
C SER B 214 4.30 25.66 11.27
N ALA B 215 3.63 26.00 12.36
CA ALA B 215 2.72 27.13 12.40
C ALA B 215 2.89 27.84 13.75
N TRP B 216 2.36 29.04 13.86
CA TRP B 216 2.49 29.81 15.10
C TRP B 216 1.14 30.06 15.77
N LEU B 217 1.09 29.83 17.07
CA LEU B 217 -0.14 30.07 17.83
C LEU B 217 -0.01 31.41 18.54
N THR B 218 -0.94 32.32 18.25
CA THR B 218 -0.95 33.63 18.90
C THR B 218 -2.06 33.58 19.95
N VAL B 219 -1.75 33.95 21.19
CA VAL B 219 -2.76 33.96 22.25
C VAL B 219 -2.93 35.38 22.79
N LEU B 220 -4.12 35.93 22.59
CA LEU B 220 -4.45 37.28 23.03
C LEU B 220 -5.14 37.29 24.39
N PRO B 221 -5.04 38.41 25.11
CA PRO B 221 -5.68 38.53 26.42
C PRO B 221 -7.19 38.36 26.28
N LYS B 222 -7.84 37.97 27.38
CA LYS B 222 -9.28 37.77 27.37
C LYS B 222 -10.05 39.04 27.02
N GLN B 223 -9.55 40.19 27.46
CA GLN B 223 -10.20 41.47 27.19
C GLN B 223 -10.68 41.59 25.74
S SO4 C . 6.35 -24.35 1.14
O1 SO4 C . 5.92 -22.94 1.08
O2 SO4 C . 5.22 -25.22 0.78
O3 SO4 C . 7.47 -24.57 0.21
O4 SO4 C . 6.79 -24.66 2.52
S SO4 D . 4.35 -21.43 -3.99
O1 SO4 D . 2.94 -21.54 -4.36
O2 SO4 D . 4.63 -22.30 -2.84
O3 SO4 D . 5.19 -21.82 -5.13
O4 SO4 D . 4.65 -20.03 -3.62
S SO4 E . -7.87 21.20 1.53
O1 SO4 E . -8.25 22.64 1.47
O2 SO4 E . -9.07 20.38 1.89
O3 SO4 E . -7.37 20.78 0.20
O4 SO4 E . -6.81 21.01 2.55
#